data_1DQN
#
_entry.id   1DQN
#
_cell.length_a   56.632
_cell.length_b   71.553
_cell.length_c   123.08
_cell.angle_alpha   90
_cell.angle_beta   90
_cell.angle_gamma   90
#
_symmetry.space_group_name_H-M   'P 21 21 21'
#
loop_
_entity.id
_entity.type
_entity.pdbx_description
1 polymer 'GUANINE PHOSPHORIBOSYLTRANSFERASE'
2 non-polymer 'MAGNESIUM ION'
3 non-polymer 'PHOSPHORIC ACID MONO-[5-(2-AMINO-4-OXO-4,5-DIHYDRO-3H-PYRROLO[3,2-D]PYRIMIDIN-7-YL)-3,4-DIHYDROXY-PYRROLIDIN-2-YLMETHYL] ESTER'
4 non-polymer 'PYROPHOSPHATE 2-'
5 non-polymer 'ISOPROPYL ALCOHOL'
6 water water
#
_entity_poly.entity_id   1
_entity_poly.type   'polypeptide(L)'
_entity_poly.pdbx_seq_one_letter_code
;MICSVTGKPVKDVLSTFFKDRNDVLESEVKKFHLLATFEECKALAADTARRMNEYYKDVAEPVTLVALLTGAYLYASLLT
VHLTFPYTLHFVKVSSYKGTRQESVVFDEEDLKQLKEKREVVLIDEYVDSGHTIFSIQEQIKHAKICSCFVKDVDAIKKH
SALADTKMFYGYTPMPKGSWLIGFGLDDNGLRRGWAHLFDINLSESEVTEFRRRLTEHIKGLNINGVNRY
;
_entity_poly.pdbx_strand_id   A,B
#
loop_
_chem_comp.id
_chem_comp.type
_chem_comp.name
_chem_comp.formula
IMU non-polymer 'PHOSPHORIC ACID MONO-[5-(2-AMINO-4-OXO-4,5-DIHYDRO-3H-PYRROLO[3,2-D]PYRIMIDIN-7-YL)-3,4-DIHYDROXY-PYRROLIDIN-2-YLMETHYL] ESTER' 'C11 H16 N5 O7 P'
IPA non-polymer 'ISOPROPYL ALCOHOL' 'C3 H8 O'
MG non-polymer 'MAGNESIUM ION' 'Mg 2'
POP non-polymer 'PYROPHOSPHATE 2-' 'H2 O7 P2 -2'
#
# COMPACT_ATOMS: atom_id res chain seq x y z
N MET A 1 18.02 -17.19 13.44
CA MET A 1 18.89 -16.14 12.81
C MET A 1 18.72 -16.14 11.29
N ILE A 2 17.67 -16.81 10.81
CA ILE A 2 17.41 -16.89 9.38
C ILE A 2 15.97 -16.55 9.02
N CYS A 3 15.78 -15.94 7.86
CA CYS A 3 14.43 -15.60 7.40
C CYS A 3 13.67 -16.90 7.18
N SER A 4 12.49 -17.02 7.81
CA SER A 4 11.70 -18.24 7.69
C SER A 4 11.01 -18.45 6.36
N VAL A 5 11.07 -17.45 5.49
CA VAL A 5 10.46 -17.60 4.17
C VAL A 5 11.52 -17.87 3.10
N THR A 6 12.56 -17.05 3.08
CA THR A 6 13.62 -17.15 2.09
C THR A 6 14.80 -18.03 2.50
N GLY A 7 15.09 -18.10 3.80
CA GLY A 7 16.21 -18.91 4.26
C GLY A 7 17.48 -18.07 4.32
N LYS A 8 17.35 -16.79 4.00
CA LYS A 8 18.49 -15.89 4.03
C LYS A 8 18.81 -15.51 5.48
N PRO A 9 20.07 -15.64 5.90
CA PRO A 9 20.41 -15.27 7.27
C PRO A 9 20.04 -13.81 7.51
N VAL A 10 19.57 -13.49 8.71
CA VAL A 10 19.18 -12.12 9.00
C VAL A 10 20.33 -11.14 8.78
N LYS A 11 21.55 -11.55 9.12
CA LYS A 11 22.67 -10.65 8.90
C LYS A 11 22.80 -10.30 7.42
N ASP A 12 22.45 -11.24 6.54
CA ASP A 12 22.54 -10.98 5.10
C ASP A 12 21.38 -10.12 4.62
N VAL A 13 20.21 -10.31 5.24
CA VAL A 13 19.03 -9.50 4.89
C VAL A 13 19.38 -8.05 5.23
N LEU A 14 19.99 -7.87 6.40
CA LEU A 14 20.36 -6.53 6.85
C LEU A 14 21.55 -5.92 6.12
N SER A 15 22.52 -6.73 5.70
CA SER A 15 23.66 -6.18 4.98
C SER A 15 23.15 -5.62 3.64
N THR A 16 22.19 -6.32 3.04
CA THR A 16 21.59 -5.87 1.80
C THR A 16 20.75 -4.62 2.08
N PHE A 17 19.95 -4.67 3.13
CA PHE A 17 19.11 -3.54 3.45
C PHE A 17 19.87 -2.24 3.69
N PHE A 18 20.93 -2.33 4.48
CA PHE A 18 21.70 -1.14 4.85
C PHE A 18 22.85 -0.68 3.94
N LYS A 19 23.01 -1.32 2.79
CA LYS A 19 24.07 -0.93 1.88
C LYS A 19 23.84 0.42 1.21
N ASP A 20 24.73 1.37 1.45
CA ASP A 20 24.66 2.68 0.84
C ASP A 20 23.33 3.42 0.88
N ARG A 21 22.68 3.44 2.04
CA ARG A 21 21.42 4.16 2.18
C ARG A 21 21.71 5.64 2.46
N ASN A 22 20.72 6.49 2.21
CA ASN A 22 20.86 7.92 2.46
C ASN A 22 19.81 8.38 3.44
N ASP A 23 19.32 7.45 4.26
CA ASP A 23 18.28 7.77 5.22
C ASP A 23 18.56 7.25 6.62
N VAL A 24 19.84 6.98 6.88
CA VAL A 24 20.28 6.51 8.18
C VAL A 24 21.81 6.63 8.24
N LEU A 25 22.32 7.10 9.37
CA LEU A 25 23.75 7.26 9.56
C LEU A 25 24.34 5.90 9.91
N GLU A 26 25.56 5.62 9.44
CA GLU A 26 26.18 4.35 9.75
C GLU A 26 26.15 4.08 11.25
N SER A 27 26.37 5.12 12.05
CA SER A 27 26.39 4.96 13.50
C SER A 27 25.03 4.59 14.10
N GLU A 28 23.96 4.83 13.36
CA GLU A 28 22.61 4.54 13.84
C GLU A 28 22.10 3.16 13.48
N VAL A 29 22.70 2.56 12.45
CA VAL A 29 22.26 1.25 12.00
C VAL A 29 22.05 0.22 13.11
N LYS A 30 23.01 0.13 14.03
CA LYS A 30 22.91 -0.84 15.12
C LYS A 30 21.70 -0.70 16.05
N LYS A 31 21.06 0.47 16.01
CA LYS A 31 19.89 0.72 16.85
C LYS A 31 18.65 -0.05 16.42
N PHE A 32 18.63 -0.47 15.16
CA PHE A 32 17.48 -1.19 14.62
C PHE A 32 17.59 -2.70 14.68
N HIS A 33 16.67 -3.31 15.42
CA HIS A 33 16.66 -4.76 15.61
C HIS A 33 15.57 -5.36 14.72
N LEU A 34 15.94 -6.27 13.83
CA LEU A 34 14.91 -6.85 12.97
C LEU A 34 14.06 -7.87 13.70
N LEU A 35 12.74 -7.66 13.68
CA LEU A 35 11.81 -8.60 14.32
C LEU A 35 11.22 -9.53 13.26
N ALA A 36 10.85 -8.96 12.13
CA ALA A 36 10.28 -9.76 11.04
C ALA A 36 10.73 -9.23 9.70
N THR A 37 11.19 -10.11 8.81
CA THR A 37 11.62 -9.64 7.51
C THR A 37 10.36 -9.30 6.72
N PHE A 38 10.52 -8.48 5.68
CA PHE A 38 9.39 -8.09 4.85
C PHE A 38 8.73 -9.34 4.29
N GLU A 39 9.52 -10.29 3.82
CA GLU A 39 8.92 -11.52 3.28
C GLU A 39 8.12 -12.24 4.35
N GLU A 40 8.61 -12.25 5.60
CA GLU A 40 7.85 -12.89 6.65
C GLU A 40 6.54 -12.13 6.86
N CYS A 41 6.59 -10.81 6.79
CA CYS A 41 5.37 -10.01 6.97
C CYS A 41 4.38 -10.31 5.85
N LYS A 42 4.90 -10.45 4.63
CA LYS A 42 4.05 -10.77 3.49
C LYS A 42 3.35 -12.09 3.68
N ALA A 43 4.06 -13.07 4.26
CA ALA A 43 3.48 -14.39 4.52
C ALA A 43 2.32 -14.26 5.52
N LEU A 44 2.54 -13.47 6.57
CA LEU A 44 1.52 -13.23 7.58
C LEU A 44 0.28 -12.59 6.94
N ALA A 45 0.50 -11.59 6.09
CA ALA A 45 -0.62 -10.92 5.44
C ALA A 45 -1.36 -11.88 4.50
N ALA A 46 -0.61 -12.73 3.81
CA ALA A 46 -1.25 -13.68 2.89
C ALA A 46 -2.09 -14.68 3.68
N ASP A 47 -1.57 -15.10 4.82
CA ASP A 47 -2.30 -16.03 5.68
C ASP A 47 -3.58 -15.38 6.20
N THR A 48 -3.52 -14.08 6.43
CA THR A 48 -4.69 -13.38 6.92
C THR A 48 -5.69 -13.24 5.77
N ALA A 49 -5.19 -12.98 4.57
CA ALA A 49 -6.06 -12.87 3.39
C ALA A 49 -6.77 -14.21 3.18
N ARG A 50 -6.03 -15.29 3.39
CA ARG A 50 -6.59 -16.64 3.24
C ARG A 50 -7.82 -16.80 4.12
N ARG A 51 -7.70 -16.40 5.38
CA ARG A 51 -8.80 -16.54 6.32
C ARG A 51 -9.97 -15.61 6.00
N MET A 52 -9.70 -14.40 5.54
CA MET A 52 -10.79 -13.50 5.17
C MET A 52 -11.49 -14.04 3.92
N ASN A 53 -10.71 -14.63 3.00
CA ASN A 53 -11.28 -15.19 1.78
C ASN A 53 -12.25 -16.32 2.07
N GLU A 54 -11.90 -17.15 3.04
CA GLU A 54 -12.75 -18.28 3.41
C GLU A 54 -14.01 -17.77 4.11
N TYR A 55 -13.84 -16.73 4.93
CA TYR A 55 -14.93 -16.15 5.68
C TYR A 55 -15.98 -15.48 4.79
N TYR A 56 -15.50 -14.75 3.78
CA TYR A 56 -16.37 -14.00 2.88
C TYR A 56 -16.64 -14.58 1.49
N LYS A 57 -16.27 -15.82 1.28
CA LYS A 57 -16.45 -16.41 -0.04
C LYS A 57 -17.88 -16.40 -0.59
N ASP A 58 -18.87 -16.44 0.28
CA ASP A 58 -20.27 -16.45 -0.17
C ASP A 58 -21.01 -15.14 0.05
N VAL A 59 -20.28 -14.08 0.39
CA VAL A 59 -20.92 -12.80 0.65
C VAL A 59 -21.68 -12.34 -0.59
N ALA A 60 -22.89 -11.83 -0.39
CA ALA A 60 -23.76 -11.40 -1.48
C ALA A 60 -23.75 -9.90 -1.77
N GLU A 61 -22.95 -9.16 -1.02
CA GLU A 61 -22.82 -7.72 -1.22
C GLU A 61 -21.36 -7.41 -0.89
N PRO A 62 -20.79 -6.43 -1.59
CA PRO A 62 -19.40 -6.09 -1.30
C PRO A 62 -19.14 -5.71 0.15
N VAL A 63 -18.02 -6.20 0.69
CA VAL A 63 -17.64 -5.87 2.06
C VAL A 63 -17.01 -4.48 2.08
N THR A 64 -17.21 -3.75 3.16
CA THR A 64 -16.60 -2.42 3.27
C THR A 64 -15.31 -2.51 4.07
N LEU A 65 -14.17 -2.43 3.36
CA LEU A 65 -12.87 -2.46 4.05
C LEU A 65 -12.46 -1.02 4.26
N VAL A 66 -12.06 -0.70 5.49
CA VAL A 66 -11.63 0.65 5.83
C VAL A 66 -10.32 0.61 6.59
N ALA A 67 -9.33 1.33 6.10
CA ALA A 67 -8.02 1.34 6.75
C ALA A 67 -7.74 2.69 7.37
N LEU A 68 -7.07 2.67 8.52
CA LEU A 68 -6.73 3.90 9.20
C LEU A 68 -5.38 4.44 8.72
N LEU A 69 -5.35 5.70 8.32
CA LEU A 69 -4.12 6.36 7.90
C LEU A 69 -3.26 6.59 9.15
N THR A 70 -1.92 6.60 9.01
CA THR A 70 -1.29 6.48 7.69
C THR A 70 -0.57 5.14 7.61
N GLY A 71 -0.02 4.63 8.71
CA GLY A 71 0.75 3.40 8.64
C GLY A 71 0.17 2.16 8.00
N ALA A 72 -1.14 1.98 8.07
CA ALA A 72 -1.74 0.78 7.53
C ALA A 72 -1.72 0.65 6.01
N TYR A 73 -1.25 1.68 5.30
CA TYR A 73 -1.24 1.59 3.84
C TYR A 73 -0.45 0.40 3.31
N LEU A 74 0.68 0.09 3.94
CA LEU A 74 1.53 -1.01 3.50
C LEU A 74 0.83 -2.33 3.73
N TYR A 75 0.44 -2.59 4.97
CA TYR A 75 -0.25 -3.84 5.25
C TYR A 75 -1.49 -3.97 4.36
N ALA A 76 -2.23 -2.88 4.19
CA ALA A 76 -3.42 -2.95 3.34
C ALA A 76 -3.08 -3.36 1.92
N SER A 77 -1.94 -2.90 1.42
CA SER A 77 -1.53 -3.26 0.08
C SER A 77 -1.15 -4.75 0.00
N LEU A 78 -0.59 -5.29 1.07
CA LEU A 78 -0.17 -6.69 1.09
C LEU A 78 -1.32 -7.65 1.31
N LEU A 79 -2.40 -7.14 1.90
CA LEU A 79 -3.58 -7.92 2.19
C LEU A 79 -4.54 -7.94 1.02
N THR A 80 -4.95 -6.75 0.58
CA THR A 80 -5.94 -6.65 -0.48
C THR A 80 -5.57 -7.32 -1.79
N VAL A 81 -4.30 -7.36 -2.16
CA VAL A 81 -3.96 -8.00 -3.43
C VAL A 81 -4.27 -9.49 -3.46
N HIS A 82 -4.46 -10.08 -2.28
CA HIS A 82 -4.76 -11.50 -2.22
C HIS A 82 -6.21 -11.83 -1.91
N LEU A 83 -7.04 -10.82 -1.72
CA LEU A 83 -8.45 -11.06 -1.41
C LEU A 83 -9.21 -11.47 -2.67
N THR A 84 -10.19 -12.35 -2.51
CA THR A 84 -10.92 -12.88 -3.65
C THR A 84 -12.44 -12.75 -3.59
N PHE A 85 -12.92 -11.90 -2.69
CA PHE A 85 -14.35 -11.64 -2.55
C PHE A 85 -14.56 -10.16 -2.84
N PRO A 86 -15.81 -9.76 -3.15
CA PRO A 86 -16.07 -8.34 -3.45
C PRO A 86 -15.94 -7.42 -2.26
N TYR A 87 -15.30 -6.28 -2.46
CA TYR A 87 -15.18 -5.29 -1.40
C TYR A 87 -14.84 -3.94 -1.99
N THR A 88 -15.11 -2.90 -1.21
CA THR A 88 -14.73 -1.55 -1.56
C THR A 88 -13.65 -1.27 -0.54
N LEU A 89 -12.79 -0.31 -0.86
CA LEU A 89 -11.73 0.06 0.06
C LEU A 89 -11.57 1.56 0.14
N HIS A 90 -11.48 2.06 1.36
CA HIS A 90 -11.19 3.47 1.53
C HIS A 90 -10.39 3.67 2.81
N PHE A 91 -9.70 4.80 2.88
CA PHE A 91 -8.88 5.13 4.04
C PHE A 91 -9.48 6.31 4.75
N VAL A 92 -9.39 6.30 6.07
CA VAL A 92 -9.92 7.43 6.83
C VAL A 92 -8.87 7.93 7.80
N LYS A 93 -8.94 9.23 8.07
CA LYS A 93 -8.02 9.87 9.00
C LYS A 93 -8.76 10.03 10.32
N VAL A 94 -8.15 9.56 11.39
CA VAL A 94 -8.75 9.73 12.72
C VAL A 94 -7.69 10.34 13.62
N SER A 95 -8.13 10.89 14.74
CA SER A 95 -7.23 11.52 15.69
C SER A 95 -7.44 10.85 17.04
N SER A 96 -6.36 10.67 17.79
CA SER A 96 -6.44 10.06 19.11
C SER A 96 -6.54 11.16 20.16
N TYR A 97 -7.64 11.14 20.90
CA TYR A 97 -7.86 12.15 21.94
C TYR A 97 -7.65 11.50 23.32
N LYS A 98 -6.61 11.93 24.02
CA LYS A 98 -6.31 11.39 25.32
C LYS A 98 -7.04 12.14 26.42
N GLY A 99 -8.17 11.60 26.88
CA GLY A 99 -8.93 12.25 27.93
C GLY A 99 -8.37 11.86 29.28
N THR A 100 -9.00 12.34 30.34
CA THR A 100 -8.54 12.03 31.69
C THR A 100 -9.03 10.65 32.15
N ARG A 101 -10.08 10.15 31.49
CA ARG A 101 -10.64 8.85 31.86
C ARG A 101 -10.41 7.79 30.79
N GLN A 102 -10.26 8.21 29.53
CA GLN A 102 -10.02 7.25 28.46
C GLN A 102 -9.52 7.92 27.20
N GLU A 103 -8.96 7.11 26.31
CA GLU A 103 -8.45 7.59 25.04
C GLU A 103 -9.52 7.25 24.00
N SER A 104 -9.86 8.21 23.14
CA SER A 104 -10.87 7.96 22.13
C SER A 104 -10.44 8.34 20.73
N VAL A 105 -10.93 7.56 19.76
CA VAL A 105 -10.63 7.80 18.35
C VAL A 105 -11.70 8.72 17.79
N VAL A 106 -11.29 9.86 17.26
CA VAL A 106 -12.23 10.81 16.71
C VAL A 106 -12.29 10.72 15.19
N PHE A 107 -13.44 10.34 14.67
CA PHE A 107 -13.66 10.19 13.22
C PHE A 107 -14.24 11.45 12.64
N ASP A 108 -14.18 11.55 11.32
CA ASP A 108 -14.79 12.66 10.61
C ASP A 108 -16.26 12.24 10.72
N GLU A 109 -17.14 13.19 11.04
CA GLU A 109 -18.56 12.87 11.18
C GLU A 109 -19.13 12.09 10.00
N GLU A 110 -18.81 12.54 8.79
CA GLU A 110 -19.30 11.87 7.58
C GLU A 110 -18.75 10.45 7.45
N ASP A 111 -17.45 10.28 7.70
CA ASP A 111 -16.87 8.95 7.59
C ASP A 111 -17.59 7.98 8.52
N LEU A 112 -17.77 8.39 9.77
CA LEU A 112 -18.44 7.55 10.77
C LEU A 112 -19.87 7.22 10.37
N LYS A 113 -20.60 8.22 9.87
CA LYS A 113 -21.98 7.99 9.43
C LYS A 113 -22.01 6.88 8.40
N GLN A 114 -21.17 7.00 7.38
CA GLN A 114 -21.09 6.02 6.30
C GLN A 114 -20.80 4.60 6.77
N LEU A 115 -19.80 4.46 7.64
CA LEU A 115 -19.41 3.15 8.13
C LEU A 115 -20.53 2.46 8.91
N LYS A 116 -21.16 3.20 9.82
CA LYS A 116 -22.22 2.62 10.63
C LYS A 116 -23.40 2.07 9.83
N GLU A 117 -23.45 2.41 8.55
CA GLU A 117 -24.54 1.94 7.69
C GLU A 117 -24.29 0.58 7.05
N LYS A 118 -23.01 0.21 6.91
CA LYS A 118 -22.65 -1.04 6.26
C LYS A 118 -22.74 -2.27 7.17
N ARG A 119 -23.28 -3.36 6.64
CA ARG A 119 -23.42 -4.60 7.39
C ARG A 119 -22.07 -5.22 7.71
N GLU A 120 -21.24 -5.36 6.69
CA GLU A 120 -19.91 -5.93 6.87
C GLU A 120 -18.92 -4.80 6.70
N VAL A 121 -18.29 -4.42 7.80
CA VAL A 121 -17.30 -3.36 7.81
C VAL A 121 -16.09 -3.92 8.54
N VAL A 122 -14.93 -3.87 7.90
CA VAL A 122 -13.72 -4.40 8.49
C VAL A 122 -12.66 -3.30 8.56
N LEU A 123 -12.20 -3.00 9.77
CA LEU A 123 -11.19 -1.97 10.01
C LEU A 123 -9.84 -2.63 9.86
N ILE A 124 -9.03 -2.08 8.97
CA ILE A 124 -7.68 -2.59 8.71
C ILE A 124 -6.64 -1.70 9.38
N ASP A 125 -5.78 -2.31 10.19
CA ASP A 125 -4.71 -1.58 10.84
C ASP A 125 -3.53 -2.54 10.85
N GLU A 126 -2.32 -2.01 10.82
CA GLU A 126 -1.18 -2.91 10.78
C GLU A 126 -0.82 -3.43 12.17
N TYR A 127 -1.16 -2.67 13.22
CA TYR A 127 -0.82 -3.07 14.58
C TYR A 127 -1.81 -2.67 15.67
N VAL A 128 -2.24 -3.65 16.45
CA VAL A 128 -3.12 -3.43 17.60
C VAL A 128 -2.17 -3.62 18.78
N ASP A 129 -1.87 -2.53 19.48
CA ASP A 129 -0.91 -2.56 20.61
C ASP A 129 -1.65 -2.60 21.96
N SER A 130 -2.05 -1.44 22.45
CA SER A 130 -2.77 -1.39 23.72
C SER A 130 -4.23 -1.76 23.47
N GLY A 131 -4.66 -1.57 22.22
CA GLY A 131 -6.03 -1.88 21.85
C GLY A 131 -6.97 -0.70 22.07
N HIS A 132 -6.45 0.39 22.63
CA HIS A 132 -7.29 1.57 22.88
C HIS A 132 -7.93 2.08 21.60
N THR A 133 -7.21 2.01 20.50
CA THR A 133 -7.74 2.47 19.23
C THR A 133 -8.96 1.67 18.79
N ILE A 134 -8.81 0.34 18.69
CA ILE A 134 -9.95 -0.47 18.27
C ILE A 134 -11.03 -0.51 19.33
N PHE A 135 -10.65 -0.36 20.59
CA PHE A 135 -11.64 -0.34 21.68
C PHE A 135 -12.59 0.83 21.43
N SER A 136 -12.00 1.98 21.10
CA SER A 136 -12.79 3.18 20.84
C SER A 136 -13.64 3.04 19.58
N ILE A 137 -13.02 2.58 18.50
CA ILE A 137 -13.74 2.41 17.25
C ILE A 137 -14.89 1.43 17.45
N GLN A 138 -14.62 0.37 18.21
CA GLN A 138 -15.60 -0.66 18.50
C GLN A 138 -16.86 -0.10 19.16
N GLU A 139 -16.68 0.74 20.18
CA GLU A 139 -17.84 1.29 20.86
C GLU A 139 -18.61 2.30 20.00
N GLN A 140 -17.99 2.76 18.92
CA GLN A 140 -18.64 3.71 18.01
C GLN A 140 -19.29 2.98 16.83
N ILE A 141 -18.75 1.82 16.48
CA ILE A 141 -19.29 1.01 15.38
C ILE A 141 -19.30 -0.40 15.96
N LYS A 142 -20.34 -0.71 16.73
CA LYS A 142 -20.44 -1.99 17.41
C LYS A 142 -20.31 -3.26 16.58
N HIS A 143 -20.71 -3.21 15.32
CA HIS A 143 -20.65 -4.38 14.44
C HIS A 143 -19.34 -4.47 13.65
N ALA A 144 -18.46 -3.50 13.81
CA ALA A 144 -17.20 -3.51 13.08
C ALA A 144 -16.35 -4.72 13.39
N LYS A 145 -15.66 -5.22 12.38
CA LYS A 145 -14.75 -6.34 12.53
C LYS A 145 -13.37 -5.71 12.40
N ILE A 146 -12.35 -6.43 12.84
CA ILE A 146 -10.99 -5.91 12.82
C ILE A 146 -10.04 -6.83 12.04
N CYS A 147 -9.12 -6.24 11.30
CA CYS A 147 -8.14 -7.03 10.56
C CYS A 147 -6.79 -6.36 10.83
N SER A 148 -5.93 -7.03 11.60
CA SER A 148 -4.64 -6.45 11.95
C SER A 148 -3.50 -7.44 11.69
N CYS A 149 -2.40 -6.98 11.14
CA CYS A 149 -1.30 -7.87 10.87
C CYS A 149 -0.73 -8.39 12.19
N PHE A 150 -0.44 -7.47 13.10
CA PHE A 150 0.11 -7.80 14.40
C PHE A 150 -0.77 -7.38 15.56
N VAL A 151 -0.87 -8.21 16.58
CA VAL A 151 -1.64 -7.88 17.77
C VAL A 151 -0.74 -8.21 18.95
N LYS A 152 -0.53 -7.22 19.81
CA LYS A 152 0.33 -7.45 20.96
C LYS A 152 -0.18 -8.54 21.90
N ASP A 153 -1.46 -8.52 22.24
CA ASP A 153 -1.99 -9.51 23.17
C ASP A 153 -3.49 -9.69 22.95
N VAL A 154 -3.85 -10.72 22.18
CA VAL A 154 -5.24 -10.98 21.89
C VAL A 154 -6.07 -11.21 23.16
N ASP A 155 -5.55 -12.05 24.07
CA ASP A 155 -6.25 -12.34 25.31
C ASP A 155 -6.62 -11.05 26.04
N ALA A 156 -5.66 -10.13 26.13
CA ALA A 156 -5.92 -8.85 26.79
C ALA A 156 -7.11 -8.17 26.13
N ILE A 157 -7.14 -8.21 24.79
CA ILE A 157 -8.22 -7.60 24.04
C ILE A 157 -9.56 -8.30 24.33
N LYS A 158 -9.54 -9.63 24.31
CA LYS A 158 -10.76 -10.40 24.56
C LYS A 158 -11.26 -10.27 26.01
N LYS A 159 -10.40 -9.76 26.89
CA LYS A 159 -10.78 -9.57 28.29
C LYS A 159 -11.95 -8.60 28.40
N HIS A 160 -12.01 -7.64 27.49
CA HIS A 160 -13.09 -6.65 27.48
C HIS A 160 -14.36 -7.26 26.90
N SER A 161 -15.43 -7.23 27.68
CA SER A 161 -16.70 -7.79 27.26
C SER A 161 -17.19 -7.17 25.95
N ALA A 162 -16.86 -5.90 25.75
CA ALA A 162 -17.28 -5.19 24.54
C ALA A 162 -16.63 -5.77 23.28
N LEU A 163 -15.41 -6.28 23.42
CA LEU A 163 -14.66 -6.84 22.31
C LEU A 163 -14.70 -8.37 22.27
N ALA A 164 -15.22 -8.98 23.33
CA ALA A 164 -15.30 -10.43 23.41
C ALA A 164 -16.03 -11.10 22.24
N ASP A 165 -16.89 -10.35 21.57
CA ASP A 165 -17.66 -10.90 20.46
C ASP A 165 -17.18 -10.41 19.10
N THR A 166 -16.34 -9.38 19.09
CA THR A 166 -15.86 -8.83 17.83
C THR A 166 -14.95 -9.75 17.06
N LYS A 167 -15.29 -9.99 15.79
CA LYS A 167 -14.50 -10.86 14.93
C LYS A 167 -13.20 -10.14 14.55
N MET A 168 -12.06 -10.77 14.81
CA MET A 168 -10.76 -10.19 14.48
C MET A 168 -9.94 -11.13 13.60
N PHE A 169 -9.48 -10.63 12.46
CA PHE A 169 -8.62 -11.43 11.58
C PHE A 169 -7.24 -10.85 11.81
N TYR A 170 -6.29 -11.64 12.28
CA TYR A 170 -4.96 -11.10 12.48
C TYR A 170 -3.86 -12.06 12.00
N GLY A 171 -2.69 -11.49 11.73
CA GLY A 171 -1.59 -12.29 11.22
C GLY A 171 -0.77 -12.97 12.30
N TYR A 172 -0.40 -12.23 13.34
CA TYR A 172 0.43 -12.81 14.38
C TYR A 172 0.26 -12.15 15.74
N THR A 173 0.41 -12.96 16.79
CA THR A 173 0.32 -12.51 18.17
C THR A 173 1.07 -13.59 18.96
N PRO A 174 1.69 -13.23 20.09
CA PRO A 174 1.73 -11.91 20.71
C PRO A 174 2.99 -11.16 20.30
N MET A 175 3.09 -9.89 20.66
CA MET A 175 4.27 -9.11 20.37
C MET A 175 4.93 -8.84 21.74
N PRO A 176 6.24 -8.59 21.74
CA PRO A 176 6.97 -8.34 23.00
C PRO A 176 6.62 -7.08 23.76
N LYS A 177 6.45 -7.21 25.07
CA LYS A 177 6.19 -6.02 25.88
C LYS A 177 7.49 -5.26 25.86
N GLY A 178 7.42 -3.94 26.02
CA GLY A 178 8.62 -3.14 26.05
C GLY A 178 9.26 -2.88 24.70
N SER A 179 8.60 -3.25 23.62
CA SER A 179 9.18 -2.99 22.32
C SER A 179 8.64 -1.68 21.76
N TRP A 180 9.34 -1.15 20.76
CA TRP A 180 8.87 0.04 20.07
C TRP A 180 9.23 -0.27 18.63
N LEU A 181 8.19 -0.41 17.83
CA LEU A 181 8.36 -0.78 16.44
C LEU A 181 8.43 0.36 15.44
N ILE A 182 9.23 0.16 14.40
CA ILE A 182 9.32 1.12 13.30
C ILE A 182 9.47 0.27 12.04
N GLY A 183 8.99 0.78 10.91
CA GLY A 183 9.08 0.02 9.68
C GLY A 183 7.75 -0.66 9.40
N PHE A 184 7.66 -1.33 8.25
CA PHE A 184 6.43 -2.01 7.84
C PHE A 184 5.27 -1.01 7.88
N GLY A 185 5.57 0.21 7.45
CA GLY A 185 4.57 1.27 7.42
C GLY A 185 4.54 2.15 8.66
N LEU A 186 5.02 1.63 9.78
CA LEU A 186 5.06 2.39 11.04
C LEU A 186 6.21 3.38 10.97
N ASP A 187 5.95 4.61 11.40
CA ASP A 187 6.98 5.66 11.33
C ASP A 187 7.91 5.75 12.52
N ASP A 188 9.09 6.30 12.25
CA ASP A 188 10.09 6.53 13.26
C ASP A 188 10.10 8.06 13.32
N ASN A 189 9.20 8.61 14.14
CA ASN A 189 9.08 10.04 14.27
C ASN A 189 8.80 10.65 12.90
N GLY A 190 7.93 9.99 12.14
CA GLY A 190 7.54 10.46 10.82
C GLY A 190 8.33 9.89 9.65
N LEU A 191 9.51 9.36 9.96
CA LEU A 191 10.38 8.82 8.92
C LEU A 191 10.38 7.31 8.83
N ARG A 192 11.08 6.81 7.81
CA ARG A 192 11.27 5.39 7.59
C ARG A 192 10.06 4.46 7.48
N ARG A 193 8.90 4.99 7.07
CA ARG A 193 7.73 4.14 6.96
C ARG A 193 7.96 3.04 5.93
N GLY A 194 8.73 3.38 4.89
CA GLY A 194 9.03 2.44 3.83
C GLY A 194 10.11 1.41 4.13
N TRP A 195 10.67 1.45 5.34
CA TRP A 195 11.65 0.42 5.73
C TRP A 195 10.68 -0.75 5.90
N ALA A 196 10.63 -1.63 4.90
CA ALA A 196 9.64 -2.70 4.90
C ALA A 196 9.71 -3.76 5.97
N HIS A 197 10.90 -4.08 6.44
CA HIS A 197 11.03 -5.08 7.50
C HIS A 197 10.47 -4.44 8.76
N LEU A 198 10.01 -5.28 9.69
CA LEU A 198 9.51 -4.77 10.96
C LEU A 198 10.69 -4.73 11.92
N PHE A 199 11.05 -3.52 12.34
CA PHE A 199 12.17 -3.36 13.27
C PHE A 199 11.67 -2.95 14.65
N ASP A 200 12.50 -3.19 15.65
CA ASP A 200 12.25 -2.78 17.03
C ASP A 200 13.48 -2.00 17.46
N ILE A 201 13.31 -1.01 18.34
CA ILE A 201 14.45 -0.23 18.81
C ILE A 201 14.57 -0.23 20.33
N ASN A 202 13.72 -1.00 21.02
CA ASN A 202 13.77 -0.96 22.48
C ASN A 202 14.01 -2.27 23.23
N LEU A 203 14.11 -3.38 22.51
CA LEU A 203 14.30 -4.69 23.12
C LEU A 203 15.75 -5.12 23.24
N SER A 204 15.99 -6.06 24.15
CA SER A 204 17.34 -6.60 24.34
C SER A 204 17.55 -7.64 23.26
N GLU A 205 18.80 -7.99 23.02
CA GLU A 205 19.13 -8.99 22.01
C GLU A 205 18.40 -10.30 22.27
N SER A 206 18.43 -10.74 23.53
CA SER A 206 17.77 -11.99 23.91
C SER A 206 16.27 -11.98 23.60
N GLU A 207 15.64 -10.84 23.84
CA GLU A 207 14.21 -10.69 23.59
C GLU A 207 13.92 -10.77 22.10
N VAL A 208 14.77 -10.15 21.30
CA VAL A 208 14.61 -10.19 19.85
C VAL A 208 14.80 -11.63 19.36
N THR A 209 15.82 -12.31 19.89
CA THR A 209 16.09 -13.69 19.50
C THR A 209 14.92 -14.59 19.86
N GLU A 210 14.34 -14.39 21.04
CA GLU A 210 13.20 -15.21 21.46
C GLU A 210 11.98 -14.94 20.58
N PHE A 211 11.76 -13.66 20.25
CA PHE A 211 10.62 -13.33 19.40
C PHE A 211 10.76 -14.05 18.06
N ARG A 212 11.93 -13.96 17.46
CA ARG A 212 12.15 -14.62 16.18
C ARG A 212 12.04 -16.13 16.25
N ARG A 213 12.46 -16.72 17.37
CA ARG A 213 12.35 -18.16 17.51
C ARG A 213 10.87 -18.56 17.37
N ARG A 214 9.98 -17.83 18.04
CA ARG A 214 8.55 -18.13 18.00
C ARG A 214 7.93 -17.77 16.65
N LEU A 215 8.33 -16.66 16.07
CA LEU A 215 7.77 -16.25 14.78
C LEU A 215 8.16 -17.25 13.69
N THR A 216 9.44 -17.59 13.67
CA THR A 216 9.95 -18.54 12.69
C THR A 216 9.19 -19.86 12.71
N GLU A 217 9.01 -20.43 13.90
CA GLU A 217 8.30 -21.70 13.94
C GLU A 217 6.85 -21.52 13.48
N HIS A 218 6.26 -20.36 13.75
CA HIS A 218 4.88 -20.13 13.32
C HIS A 218 4.81 -20.05 11.80
N ILE A 219 5.71 -19.30 11.19
CA ILE A 219 5.70 -19.18 9.73
C ILE A 219 5.99 -20.48 9.01
N LYS A 220 6.92 -21.26 9.54
CA LYS A 220 7.26 -22.54 8.91
C LYS A 220 6.08 -23.50 8.91
N GLY A 221 5.15 -23.30 9.84
CA GLY A 221 3.99 -24.18 9.93
C GLY A 221 2.78 -23.70 9.15
N LEU A 222 2.94 -22.61 8.41
CA LEU A 222 1.84 -22.05 7.62
C LEU A 222 1.60 -22.82 6.33
N ASN A 223 0.36 -22.77 5.84
CA ASN A 223 -0.01 -23.42 4.59
C ASN A 223 -0.71 -22.37 3.75
N ILE A 224 0.05 -21.57 3.02
CA ILE A 224 -0.52 -20.52 2.20
C ILE A 224 -0.22 -20.73 0.72
N ASN A 225 0.13 -21.97 0.37
CA ASN A 225 0.41 -22.30 -1.02
C ASN A 225 -0.80 -21.92 -1.85
N GLY A 226 -0.56 -21.22 -2.96
CA GLY A 226 -1.66 -20.83 -3.83
C GLY A 226 -2.32 -19.50 -3.52
N VAL A 227 -2.22 -19.02 -2.28
CA VAL A 227 -2.84 -17.75 -1.93
C VAL A 227 -2.31 -16.64 -2.83
N ASN A 228 -0.99 -16.61 -3.00
CA ASN A 228 -0.39 -15.62 -3.86
C ASN A 228 -0.45 -16.12 -5.31
N ARG A 229 -1.19 -15.40 -6.12
CA ARG A 229 -1.40 -15.76 -7.52
C ARG A 229 -0.49 -15.01 -8.49
N TYR A 230 0.36 -14.14 -7.97
CA TYR A 230 1.21 -13.32 -8.82
C TYR A 230 2.60 -13.82 -9.16
N MET B 1 3.39 -12.23 -25.49
CA MET B 1 2.70 -13.45 -24.99
C MET B 1 3.19 -13.85 -23.60
N ILE B 2 4.21 -13.14 -23.11
CA ILE B 2 4.77 -13.45 -21.80
C ILE B 2 4.99 -12.24 -20.92
N CYS B 3 5.10 -12.48 -19.62
CA CYS B 3 5.37 -11.42 -18.66
C CYS B 3 6.82 -11.01 -18.94
N SER B 4 7.06 -9.71 -19.17
CA SER B 4 8.41 -9.24 -19.47
C SER B 4 9.35 -9.24 -18.26
N VAL B 5 8.81 -9.59 -17.09
CA VAL B 5 9.64 -9.68 -15.90
C VAL B 5 9.92 -11.17 -15.61
N THR B 6 8.87 -11.96 -15.45
CA THR B 6 9.03 -13.38 -15.11
C THR B 6 9.29 -14.35 -16.26
N GLY B 7 8.88 -13.97 -17.46
CA GLY B 7 9.05 -14.84 -18.61
C GLY B 7 7.92 -15.85 -18.68
N LYS B 8 6.97 -15.75 -17.76
CA LYS B 8 5.84 -16.69 -17.75
C LYS B 8 4.76 -16.29 -18.77
N PRO B 9 4.20 -17.29 -19.48
CA PRO B 9 3.16 -17.00 -20.46
C PRO B 9 2.00 -16.26 -19.78
N VAL B 10 1.55 -15.16 -20.37
CA VAL B 10 0.43 -14.40 -19.79
C VAL B 10 -0.80 -15.28 -19.64
N LYS B 11 -0.98 -16.22 -20.55
CA LYS B 11 -2.12 -17.12 -20.47
C LYS B 11 -2.15 -17.84 -19.12
N ASP B 12 -0.98 -18.24 -18.65
CA ASP B 12 -0.86 -18.94 -17.38
C ASP B 12 -0.96 -17.98 -16.20
N VAL B 13 -0.44 -16.77 -16.39
CA VAL B 13 -0.54 -15.76 -15.32
C VAL B 13 -2.02 -15.54 -15.07
N LEU B 14 -2.79 -15.41 -16.13
CA LEU B 14 -4.23 -15.17 -16.02
C LEU B 14 -5.01 -16.37 -15.50
N SER B 15 -4.67 -17.59 -15.92
CA SER B 15 -5.41 -18.74 -15.42
C SER B 15 -5.17 -18.87 -13.92
N THR B 16 -3.94 -18.60 -13.49
CA THR B 16 -3.63 -18.66 -12.07
C THR B 16 -4.41 -17.56 -11.36
N PHE B 17 -4.46 -16.38 -11.94
CA PHE B 17 -5.18 -15.28 -11.31
C PHE B 17 -6.66 -15.55 -11.10
N PHE B 18 -7.29 -16.11 -12.13
CA PHE B 18 -8.72 -16.34 -12.10
C PHE B 18 -9.26 -17.65 -11.55
N LYS B 19 -8.37 -18.55 -11.14
CA LYS B 19 -8.83 -19.84 -10.62
C LYS B 19 -9.55 -19.70 -9.28
N ASP B 20 -10.78 -20.19 -9.25
CA ASP B 20 -11.61 -20.17 -8.07
C ASP B 20 -11.70 -18.85 -7.30
N ARG B 21 -12.03 -17.77 -8.02
CA ARG B 21 -12.20 -16.48 -7.38
C ARG B 21 -13.67 -16.36 -7.01
N ASN B 22 -13.99 -15.43 -6.11
CA ASN B 22 -15.36 -15.22 -5.70
C ASN B 22 -15.73 -13.75 -5.90
N ASP B 23 -15.01 -13.09 -6.80
CA ASP B 23 -15.23 -11.68 -7.04
C ASP B 23 -15.39 -11.31 -8.52
N VAL B 24 -15.75 -12.31 -9.32
CA VAL B 24 -15.96 -12.13 -10.74
C VAL B 24 -16.67 -13.39 -11.24
N LEU B 25 -17.62 -13.25 -12.15
CA LEU B 25 -18.33 -14.41 -12.69
C LEU B 25 -17.53 -14.99 -13.84
N GLU B 26 -17.69 -16.29 -14.09
CA GLU B 26 -16.96 -16.91 -15.19
C GLU B 26 -17.18 -16.17 -16.51
N SER B 27 -18.43 -15.75 -16.75
CA SER B 27 -18.73 -15.05 -18.01
C SER B 27 -18.09 -13.68 -18.10
N GLU B 28 -17.70 -13.14 -16.94
CA GLU B 28 -17.08 -11.83 -16.87
C GLU B 28 -15.57 -11.82 -17.03
N VAL B 29 -14.95 -12.97 -16.85
CA VAL B 29 -13.50 -13.04 -16.96
C VAL B 29 -12.93 -12.47 -18.25
N LYS B 30 -13.59 -12.74 -19.38
CA LYS B 30 -13.09 -12.24 -20.67
C LYS B 30 -13.19 -10.73 -20.80
N LYS B 31 -13.88 -10.08 -19.87
CA LYS B 31 -14.03 -8.63 -19.91
C LYS B 31 -12.75 -7.89 -19.57
N PHE B 32 -11.86 -8.59 -18.86
CA PHE B 32 -10.61 -7.99 -18.41
C PHE B 32 -9.41 -8.32 -19.26
N HIS B 33 -8.81 -7.27 -19.82
CA HIS B 33 -7.66 -7.39 -20.71
C HIS B 33 -6.40 -7.01 -19.94
N LEU B 34 -5.47 -7.95 -19.85
CA LEU B 34 -4.25 -7.65 -19.11
C LEU B 34 -3.35 -6.71 -19.88
N LEU B 35 -3.03 -5.57 -19.25
CA LEU B 35 -2.15 -4.61 -19.85
C LEU B 35 -0.75 -4.75 -19.26
N ALA B 36 -0.68 -4.93 -17.94
CA ALA B 36 0.61 -5.10 -17.29
C ALA B 36 0.47 -6.03 -16.10
N THR B 37 1.35 -7.02 -15.99
CA THR B 37 1.27 -7.92 -14.86
C THR B 37 1.72 -7.20 -13.60
N PHE B 38 1.34 -7.72 -12.44
CA PHE B 38 1.74 -7.10 -11.18
C PHE B 38 3.27 -7.00 -11.16
N GLU B 39 3.96 -8.05 -11.58
CA GLU B 39 5.41 -8.01 -11.60
C GLU B 39 5.94 -6.90 -12.50
N GLU B 40 5.31 -6.72 -13.66
CA GLU B 40 5.75 -5.64 -14.54
C GLU B 40 5.50 -4.30 -13.86
N CYS B 41 4.37 -4.16 -13.17
CA CYS B 41 4.07 -2.90 -12.47
C CYS B 41 5.12 -2.66 -11.38
N LYS B 42 5.52 -3.73 -10.69
CA LYS B 42 6.50 -3.60 -9.64
C LYS B 42 7.85 -3.17 -10.20
N ALA B 43 8.16 -3.59 -11.42
CA ALA B 43 9.42 -3.21 -12.06
C ALA B 43 9.37 -1.71 -12.37
N LEU B 44 8.24 -1.24 -12.89
CA LEU B 44 8.10 0.16 -13.23
C LEU B 44 8.19 1.03 -11.98
N ALA B 45 7.59 0.56 -10.89
CA ALA B 45 7.61 1.28 -9.62
C ALA B 45 9.05 1.32 -9.09
N ALA B 46 9.76 0.21 -9.24
CA ALA B 46 11.16 0.15 -8.77
C ALA B 46 11.99 1.14 -9.57
N ASP B 47 11.66 1.31 -10.85
CA ASP B 47 12.40 2.23 -11.68
C ASP B 47 12.17 3.66 -11.21
N THR B 48 10.94 3.98 -10.82
CA THR B 48 10.67 5.33 -10.34
C THR B 48 11.35 5.55 -8.99
N ALA B 49 11.48 4.49 -8.20
CA ALA B 49 12.14 4.61 -6.91
C ALA B 49 13.63 4.90 -7.16
N ARG B 50 14.20 4.14 -8.09
CA ARG B 50 15.60 4.30 -8.45
C ARG B 50 15.86 5.75 -8.85
N ARG B 51 15.00 6.30 -9.71
CA ARG B 51 15.18 7.67 -10.15
C ARG B 51 14.99 8.68 -9.03
N MET B 52 14.04 8.44 -8.13
CA MET B 52 13.82 9.35 -7.02
C MET B 52 15.01 9.27 -6.06
N ASN B 53 15.55 8.06 -5.88
CA ASN B 53 16.69 7.85 -4.99
C ASN B 53 17.91 8.63 -5.43
N GLU B 54 18.12 8.68 -6.76
CA GLU B 54 19.26 9.40 -7.30
C GLU B 54 19.02 10.91 -7.17
N TYR B 55 17.80 11.33 -7.45
CA TYR B 55 17.45 12.75 -7.39
C TYR B 55 17.61 13.33 -5.98
N TYR B 56 17.20 12.55 -4.99
CA TYR B 56 17.24 13.00 -3.60
C TYR B 56 18.35 12.44 -2.71
N LYS B 57 19.34 11.81 -3.32
CA LYS B 57 20.44 11.20 -2.56
C LYS B 57 21.12 12.16 -1.60
N ASP B 58 21.15 13.44 -1.93
CA ASP B 58 21.80 14.44 -1.08
C ASP B 58 20.83 15.39 -0.39
N VAL B 59 19.56 15.04 -0.33
CA VAL B 59 18.58 15.93 0.30
C VAL B 59 18.97 16.22 1.75
N ALA B 60 18.86 17.48 2.14
CA ALA B 60 19.22 17.92 3.48
C ALA B 60 18.10 17.86 4.52
N GLU B 61 16.87 17.70 4.05
CA GLU B 61 15.71 17.62 4.95
C GLU B 61 14.75 16.60 4.35
N PRO B 62 13.89 16.00 5.19
CA PRO B 62 12.94 15.01 4.68
C PRO B 62 12.03 15.55 3.59
N VAL B 63 11.86 14.76 2.53
CA VAL B 63 11.00 15.11 1.42
C VAL B 63 9.57 14.82 1.84
N THR B 64 8.63 15.64 1.40
CA THR B 64 7.23 15.43 1.77
C THR B 64 6.50 14.68 0.67
N LEU B 65 6.17 13.42 0.93
CA LEU B 65 5.44 12.63 -0.06
C LEU B 65 3.95 12.69 0.27
N VAL B 66 3.14 13.00 -0.75
CA VAL B 66 1.70 13.09 -0.59
C VAL B 66 1.03 12.20 -1.63
N ALA B 67 0.42 11.11 -1.18
CA ALA B 67 -0.24 10.17 -2.09
C ALA B 67 -1.72 10.49 -2.18
N LEU B 68 -2.29 10.38 -3.39
CA LEU B 68 -3.68 10.70 -3.62
C LEU B 68 -4.63 9.51 -3.45
N LEU B 69 -5.47 9.57 -2.42
CA LEU B 69 -6.40 8.48 -2.16
C LEU B 69 -7.46 8.42 -3.27
N THR B 70 -8.02 7.24 -3.52
CA THR B 70 -7.71 5.99 -2.81
C THR B 70 -6.70 5.11 -3.57
N GLY B 71 -6.86 5.13 -4.89
CA GLY B 71 -6.06 4.30 -5.77
C GLY B 71 -4.55 4.26 -5.60
N ALA B 72 -3.96 5.36 -5.17
CA ALA B 72 -2.50 5.38 -5.04
C ALA B 72 -1.93 4.55 -3.88
N TYR B 73 -2.78 3.95 -3.04
CA TYR B 73 -2.22 3.19 -1.92
C TYR B 73 -1.29 2.04 -2.32
N LEU B 74 -1.64 1.31 -3.38
CA LEU B 74 -0.83 0.18 -3.82
C LEU B 74 0.49 0.66 -4.41
N TYR B 75 0.40 1.54 -5.39
CA TYR B 75 1.62 2.07 -5.98
C TYR B 75 2.52 2.68 -4.91
N ALA B 76 1.93 3.44 -3.99
CA ALA B 76 2.73 4.08 -2.93
C ALA B 76 3.45 3.04 -2.10
N SER B 77 2.80 1.89 -1.89
CA SER B 77 3.41 0.83 -1.11
C SER B 77 4.58 0.22 -1.87
N LEU B 78 4.46 0.16 -3.20
CA LEU B 78 5.49 -0.42 -4.03
C LEU B 78 6.64 0.54 -4.28
N LEU B 79 6.38 1.84 -4.12
CA LEU B 79 7.40 2.85 -4.34
C LEU B 79 8.20 3.12 -3.07
N THR B 80 7.49 3.47 -2.00
CA THR B 80 8.15 3.81 -0.74
C THR B 80 9.07 2.76 -0.13
N VAL B 81 8.73 1.48 -0.24
CA VAL B 81 9.59 0.47 0.34
C VAL B 81 10.99 0.43 -0.27
N HIS B 82 11.16 1.06 -1.44
CA HIS B 82 12.44 1.07 -2.12
C HIS B 82 13.18 2.41 -2.06
N LEU B 83 12.57 3.42 -1.44
CA LEU B 83 13.19 4.74 -1.33
C LEU B 83 14.27 4.71 -0.26
N THR B 84 15.38 5.40 -0.52
CA THR B 84 16.52 5.37 0.40
C THR B 84 16.94 6.72 0.97
N PHE B 85 16.10 7.73 0.78
CA PHE B 85 16.35 9.07 1.31
C PHE B 85 15.24 9.36 2.33
N PRO B 86 15.45 10.36 3.21
CA PRO B 86 14.41 10.64 4.20
C PRO B 86 13.15 11.32 3.66
N TYR B 87 12.01 10.88 4.18
CA TYR B 87 10.73 11.47 3.77
C TYR B 87 9.63 11.14 4.77
N THR B 88 8.55 11.90 4.69
CA THR B 88 7.36 11.67 5.48
C THR B 88 6.34 11.30 4.41
N LEU B 89 5.29 10.59 4.81
CA LEU B 89 4.26 10.18 3.86
C LEU B 89 2.90 10.56 4.40
N HIS B 90 2.10 11.17 3.54
CA HIS B 90 0.75 11.62 3.89
C HIS B 90 -0.18 11.24 2.75
N PHE B 91 -1.42 10.91 3.08
CA PHE B 91 -2.42 10.62 2.08
C PHE B 91 -3.46 11.70 2.15
N VAL B 92 -3.91 12.18 1.00
CA VAL B 92 -4.94 13.20 0.98
C VAL B 92 -6.12 12.64 0.20
N LYS B 93 -7.30 12.76 0.82
CA LYS B 93 -8.55 12.25 0.27
C LYS B 93 -9.38 13.37 -0.32
N VAL B 94 -8.67 14.35 -0.87
CA VAL B 94 -9.27 15.51 -1.51
C VAL B 94 -10.55 15.17 -2.26
N SER B 95 -11.36 16.18 -2.52
CA SER B 95 -12.62 16.00 -3.23
C SER B 95 -12.55 16.71 -4.58
N SER B 96 -13.08 16.06 -5.61
CA SER B 96 -13.09 16.63 -6.95
C SER B 96 -14.36 17.43 -7.16
N TYR B 97 -14.22 18.73 -7.41
CA TYR B 97 -15.36 19.61 -7.61
C TYR B 97 -15.44 19.99 -9.09
N LYS B 98 -16.45 19.47 -9.77
CA LYS B 98 -16.65 19.75 -11.18
C LYS B 98 -17.42 21.05 -11.40
N GLY B 99 -16.69 22.13 -11.66
CA GLY B 99 -17.34 23.42 -11.89
C GLY B 99 -17.82 23.50 -13.33
N THR B 100 -18.35 24.66 -13.72
CA THR B 100 -18.84 24.83 -15.09
C THR B 100 -17.69 25.25 -16.01
N ARG B 101 -16.61 25.73 -15.42
CA ARG B 101 -15.45 26.17 -16.18
C ARG B 101 -14.24 25.26 -16.03
N GLN B 102 -14.12 24.61 -14.88
CA GLN B 102 -13.00 23.71 -14.64
C GLN B 102 -13.26 22.78 -13.46
N GLU B 103 -12.45 21.72 -13.36
CA GLU B 103 -12.56 20.76 -12.26
C GLU B 103 -11.42 21.09 -11.29
N SER B 104 -11.76 21.24 -10.01
CA SER B 104 -10.75 21.58 -9.01
C SER B 104 -10.67 20.58 -7.85
N VAL B 105 -9.45 20.41 -7.34
CA VAL B 105 -9.19 19.51 -6.22
C VAL B 105 -9.30 20.32 -4.93
N VAL B 106 -10.24 19.93 -4.07
CA VAL B 106 -10.43 20.64 -2.81
C VAL B 106 -9.73 19.96 -1.64
N PHE B 107 -8.69 20.62 -1.11
CA PHE B 107 -7.93 20.09 0.02
C PHE B 107 -8.51 20.53 1.36
N ASP B 108 -8.05 19.87 2.41
CA ASP B 108 -8.44 20.23 3.77
C ASP B 108 -7.59 21.49 3.97
N GLU B 109 -8.19 22.56 4.46
CA GLU B 109 -7.42 23.80 4.66
C GLU B 109 -6.09 23.56 5.34
N GLU B 110 -6.09 22.81 6.44
CA GLU B 110 -4.87 22.52 7.17
C GLU B 110 -3.84 21.74 6.34
N ASP B 111 -4.30 20.73 5.62
CA ASP B 111 -3.40 19.93 4.79
C ASP B 111 -2.68 20.79 3.76
N LEU B 112 -3.44 21.67 3.10
CA LEU B 112 -2.87 22.55 2.09
C LEU B 112 -1.87 23.53 2.68
N LYS B 113 -2.20 24.07 3.87
CA LYS B 113 -1.31 25.01 4.54
C LYS B 113 0.05 24.35 4.75
N GLN B 114 0.02 23.15 5.32
CA GLN B 114 1.22 22.39 5.63
C GLN B 114 2.11 22.12 4.40
N LEU B 115 1.49 21.65 3.32
CA LEU B 115 2.24 21.34 2.11
C LEU B 115 2.94 22.55 1.49
N LYS B 116 2.21 23.66 1.39
CA LYS B 116 2.78 24.87 0.80
C LYS B 116 4.00 25.39 1.53
N GLU B 117 4.29 24.83 2.70
CA GLU B 117 5.44 25.26 3.49
C GLU B 117 6.71 24.47 3.19
N LYS B 118 6.54 23.25 2.70
CA LYS B 118 7.68 22.37 2.42
C LYS B 118 8.34 22.65 1.07
N ARG B 119 9.68 22.65 1.06
CA ARG B 119 10.44 22.88 -0.16
C ARG B 119 10.26 21.76 -1.19
N GLU B 120 10.36 20.52 -0.72
CA GLU B 120 10.23 19.36 -1.59
C GLU B 120 8.93 18.62 -1.30
N VAL B 121 8.01 18.68 -2.26
CA VAL B 121 6.71 18.04 -2.15
C VAL B 121 6.50 17.21 -3.41
N VAL B 122 6.21 15.93 -3.24
CA VAL B 122 6.00 15.05 -4.39
C VAL B 122 4.64 14.38 -4.28
N LEU B 123 3.78 14.60 -5.27
CA LEU B 123 2.45 14.00 -5.29
C LEU B 123 2.60 12.63 -5.92
N ILE B 124 2.10 11.60 -5.23
CA ILE B 124 2.18 10.24 -5.72
C ILE B 124 0.81 9.77 -6.22
N ASP B 125 0.78 9.26 -7.44
CA ASP B 125 -0.46 8.81 -8.04
C ASP B 125 -0.13 7.58 -8.88
N GLU B 126 -1.05 6.61 -8.94
CA GLU B 126 -0.77 5.42 -9.73
C GLU B 126 -1.00 5.72 -11.21
N TYR B 127 -1.87 6.68 -11.50
CA TYR B 127 -2.19 7.00 -12.88
C TYR B 127 -2.64 8.44 -13.12
N VAL B 128 -1.88 9.17 -13.94
CA VAL B 128 -2.23 10.53 -14.31
C VAL B 128 -2.83 10.40 -15.70
N ASP B 129 -4.13 10.62 -15.79
CA ASP B 129 -4.88 10.49 -17.04
C ASP B 129 -5.18 11.85 -17.67
N SER B 130 -6.36 12.41 -17.38
CA SER B 130 -6.72 13.72 -17.94
C SER B 130 -5.79 14.77 -17.37
N GLY B 131 -5.29 14.51 -16.16
CA GLY B 131 -4.38 15.44 -15.53
C GLY B 131 -5.06 16.54 -14.73
N HIS B 132 -6.39 16.60 -14.81
CA HIS B 132 -7.15 17.63 -14.11
C HIS B 132 -6.84 17.63 -12.61
N THR B 133 -6.65 16.45 -12.03
CA THR B 133 -6.34 16.35 -10.62
C THR B 133 -5.03 17.06 -10.29
N ILE B 134 -3.95 16.69 -10.97
CA ILE B 134 -2.67 17.32 -10.71
C ILE B 134 -2.64 18.77 -11.19
N PHE B 135 -3.39 19.06 -12.25
CA PHE B 135 -3.44 20.42 -12.77
C PHE B 135 -3.96 21.33 -11.68
N SER B 136 -4.98 20.87 -10.97
CA SER B 136 -5.57 21.64 -9.89
C SER B 136 -4.60 21.76 -8.73
N ILE B 137 -4.08 20.63 -8.27
CA ILE B 137 -3.12 20.62 -7.16
C ILE B 137 -1.92 21.50 -7.49
N GLN B 138 -1.49 21.47 -8.75
CA GLN B 138 -0.34 22.26 -9.20
C GLN B 138 -0.56 23.76 -9.01
N GLU B 139 -1.72 24.26 -9.41
CA GLU B 139 -1.96 25.69 -9.27
C GLU B 139 -2.15 26.10 -7.81
N GLN B 140 -2.35 25.12 -6.93
CA GLN B 140 -2.52 25.39 -5.50
C GLN B 140 -1.20 25.22 -4.76
N ILE B 141 -0.39 24.28 -5.21
CA ILE B 141 0.93 24.01 -4.65
C ILE B 141 1.86 24.00 -5.85
N LYS B 142 2.11 25.20 -6.39
CA LYS B 142 2.94 25.38 -7.58
C LYS B 142 4.29 24.67 -7.62
N HIS B 143 4.90 24.42 -6.46
CA HIS B 143 6.20 23.76 -6.43
C HIS B 143 6.13 22.24 -6.34
N ALA B 144 4.93 21.70 -6.29
CA ALA B 144 4.76 20.25 -6.18
C ALA B 144 5.33 19.51 -7.38
N LYS B 145 5.99 18.40 -7.12
CA LYS B 145 6.54 17.56 -8.18
C LYS B 145 5.59 16.37 -8.27
N ILE B 146 5.70 15.59 -9.34
CA ILE B 146 4.80 14.46 -9.54
C ILE B 146 5.56 13.14 -9.70
N CYS B 147 4.98 12.08 -9.13
CA CYS B 147 5.56 10.75 -9.26
C CYS B 147 4.37 9.84 -9.53
N SER B 148 4.22 9.41 -10.78
CA SER B 148 3.10 8.56 -11.19
C SER B 148 3.58 7.30 -11.88
N CYS B 149 2.99 6.16 -11.54
CA CYS B 149 3.43 4.91 -12.16
C CYS B 149 3.14 4.91 -13.65
N PHE B 150 1.92 5.30 -14.01
CA PHE B 150 1.47 5.36 -15.39
C PHE B 150 0.97 6.76 -15.74
N VAL B 151 1.24 7.17 -16.97
CA VAL B 151 0.79 8.48 -17.45
C VAL B 151 0.20 8.25 -18.83
N LYS B 152 -1.04 8.70 -19.02
CA LYS B 152 -1.73 8.53 -20.29
C LYS B 152 -0.93 9.10 -21.46
N ASP B 153 -0.54 10.36 -21.36
CA ASP B 153 0.21 11.02 -22.42
C ASP B 153 1.05 12.15 -21.84
N VAL B 154 2.31 11.86 -21.55
CA VAL B 154 3.20 12.86 -20.98
C VAL B 154 3.27 14.09 -21.87
N ASP B 155 3.42 13.85 -23.17
CA ASP B 155 3.49 14.94 -24.14
C ASP B 155 2.33 15.90 -23.92
N ALA B 156 1.13 15.34 -23.86
CA ALA B 156 -0.08 16.13 -23.67
C ALA B 156 -0.10 16.95 -22.38
N ILE B 157 0.36 16.36 -21.28
CA ILE B 157 0.38 17.07 -20.01
C ILE B 157 1.31 18.29 -20.03
N LYS B 158 2.47 18.12 -20.64
CA LYS B 158 3.44 19.20 -20.74
C LYS B 158 2.95 20.37 -21.59
N LYS B 159 1.86 20.15 -22.32
CA LYS B 159 1.28 21.20 -23.18
C LYS B 159 0.91 22.42 -22.37
N HIS B 160 0.49 22.21 -21.12
CA HIS B 160 0.11 23.32 -20.24
C HIS B 160 1.35 24.01 -19.70
N SER B 161 1.44 25.31 -19.94
CA SER B 161 2.59 26.10 -19.49
C SER B 161 2.78 26.03 -17.98
N ALA B 162 1.69 25.87 -17.25
CA ALA B 162 1.73 25.78 -15.80
C ALA B 162 2.45 24.51 -15.34
N LEU B 163 2.31 23.44 -16.12
CA LEU B 163 2.93 22.16 -15.80
C LEU B 163 4.22 21.91 -16.57
N ALA B 164 4.51 22.76 -17.55
CA ALA B 164 5.72 22.61 -18.36
C ALA B 164 7.02 22.58 -17.57
N ASP B 165 7.00 23.12 -16.35
CA ASP B 165 8.21 23.16 -15.52
C ASP B 165 8.17 22.18 -14.35
N THR B 166 6.99 21.65 -14.05
CA THR B 166 6.85 20.73 -12.94
C THR B 166 7.61 19.42 -13.14
N LYS B 167 8.52 19.13 -12.22
CA LYS B 167 9.32 17.91 -12.28
C LYS B 167 8.42 16.68 -12.17
N MET B 168 8.57 15.75 -13.11
CA MET B 168 7.76 14.53 -13.11
C MET B 168 8.59 13.25 -13.17
N PHE B 169 8.30 12.32 -12.29
CA PHE B 169 8.95 11.02 -12.28
C PHE B 169 7.80 10.11 -12.68
N TYR B 170 8.00 9.22 -13.65
CA TYR B 170 6.92 8.33 -14.02
C TYR B 170 7.44 6.99 -14.49
N GLY B 171 6.62 5.96 -14.36
CA GLY B 171 7.04 4.63 -14.75
C GLY B 171 6.91 4.35 -16.23
N TYR B 172 5.72 4.57 -16.77
CA TYR B 172 5.49 4.29 -18.18
C TYR B 172 4.45 5.18 -18.83
N THR B 173 4.66 5.43 -20.12
CA THR B 173 3.75 6.24 -20.93
C THR B 173 4.04 5.82 -22.36
N PRO B 174 3.06 5.93 -23.27
CA PRO B 174 1.68 6.39 -23.10
C PRO B 174 0.74 5.21 -22.91
N MET B 175 -0.48 5.48 -22.47
CA MET B 175 -1.45 4.42 -22.27
C MET B 175 -2.37 4.47 -23.49
N PRO B 176 -2.94 3.32 -23.88
CA PRO B 176 -3.82 3.25 -25.05
C PRO B 176 -5.02 4.18 -25.08
N LYS B 177 -5.19 4.82 -26.21
CA LYS B 177 -6.31 5.73 -26.41
C LYS B 177 -7.61 4.95 -26.19
N GLY B 178 -8.54 5.52 -25.42
CA GLY B 178 -9.82 4.87 -25.17
C GLY B 178 -9.82 3.78 -24.10
N SER B 179 -8.69 3.55 -23.47
CA SER B 179 -8.63 2.52 -22.45
C SER B 179 -9.29 2.98 -21.16
N TRP B 180 -9.70 2.01 -20.35
CA TRP B 180 -10.26 2.28 -19.03
C TRP B 180 -9.61 1.22 -18.15
N LEU B 181 -8.77 1.68 -17.22
CA LEU B 181 -8.01 0.79 -16.36
C LEU B 181 -8.67 0.44 -15.05
N ILE B 182 -8.52 -0.81 -14.64
CA ILE B 182 -9.02 -1.29 -13.34
C ILE B 182 -7.92 -2.20 -12.82
N GLY B 183 -7.79 -2.30 -11.50
CA GLY B 183 -6.74 -3.11 -10.93
C GLY B 183 -5.56 -2.22 -10.57
N PHE B 184 -4.54 -2.81 -9.95
CA PHE B 184 -3.36 -2.06 -9.51
C PHE B 184 -3.80 -0.88 -8.65
N GLY B 185 -4.85 -1.10 -7.86
CA GLY B 185 -5.34 -0.03 -6.99
C GLY B 185 -6.51 0.74 -7.56
N LEU B 186 -6.65 0.72 -8.88
CA LEU B 186 -7.77 1.39 -9.55
C LEU B 186 -9.03 0.54 -9.42
N ASP B 187 -10.15 1.19 -9.14
CA ASP B 187 -11.40 0.48 -8.95
C ASP B 187 -12.19 0.23 -10.23
N ASP B 188 -13.03 -0.81 -10.18
CA ASP B 188 -13.93 -1.15 -11.26
C ASP B 188 -15.27 -0.82 -10.59
N ASN B 189 -15.65 0.45 -10.66
CA ASN B 189 -16.89 0.91 -10.05
C ASN B 189 -16.88 0.55 -8.56
N GLY B 190 -15.77 0.89 -7.89
CA GLY B 190 -15.60 0.64 -6.48
C GLY B 190 -14.95 -0.69 -6.10
N LEU B 191 -15.06 -1.67 -7.00
CA LEU B 191 -14.55 -3.01 -6.73
C LEU B 191 -13.19 -3.33 -7.34
N ARG B 192 -12.68 -4.50 -6.97
CA ARG B 192 -11.43 -5.00 -7.55
C ARG B 192 -10.16 -4.17 -7.46
N ARG B 193 -10.04 -3.29 -6.46
CA ARG B 193 -8.81 -2.50 -6.38
C ARG B 193 -7.60 -3.40 -6.15
N GLY B 194 -7.82 -4.49 -5.43
CA GLY B 194 -6.76 -5.45 -5.12
C GLY B 194 -6.38 -6.40 -6.24
N TRP B 195 -7.03 -6.31 -7.40
CA TRP B 195 -6.61 -7.12 -8.54
C TRP B 195 -5.30 -6.41 -8.89
N ALA B 196 -4.17 -7.01 -8.49
CA ALA B 196 -2.88 -6.35 -8.63
C ALA B 196 -2.35 -6.11 -10.03
N HIS B 197 -2.76 -6.95 -10.98
CA HIS B 197 -2.37 -6.75 -12.37
C HIS B 197 -3.17 -5.55 -12.86
N LEU B 198 -2.62 -4.84 -13.84
CA LEU B 198 -3.32 -3.70 -14.41
C LEU B 198 -4.11 -4.21 -15.61
N PHE B 199 -5.43 -4.09 -15.55
CA PHE B 199 -6.31 -4.52 -16.64
C PHE B 199 -6.98 -3.31 -17.30
N ASP B 200 -7.48 -3.54 -18.50
CA ASP B 200 -8.25 -2.55 -19.25
C ASP B 200 -9.55 -3.28 -19.56
N ILE B 201 -10.65 -2.54 -19.73
CA ILE B 201 -11.94 -3.17 -20.03
C ILE B 201 -12.58 -2.60 -21.31
N ASN B 202 -11.86 -1.73 -22.02
CA ASN B 202 -12.38 -1.10 -23.23
C ASN B 202 -11.73 -1.48 -24.55
N LEU B 203 -10.48 -1.90 -24.51
CA LEU B 203 -9.72 -2.19 -25.72
C LEU B 203 -9.95 -3.53 -26.43
N SER B 204 -9.55 -3.56 -27.70
CA SER B 204 -9.65 -4.77 -28.51
C SER B 204 -8.39 -5.59 -28.28
N GLU B 205 -8.43 -6.86 -28.66
CA GLU B 205 -7.27 -7.73 -28.50
C GLU B 205 -6.04 -7.16 -29.19
N SER B 206 -6.22 -6.64 -30.39
CA SER B 206 -5.10 -6.08 -31.14
C SER B 206 -4.50 -4.84 -30.47
N GLU B 207 -5.37 -4.01 -29.89
CA GLU B 207 -4.89 -2.81 -29.21
C GLU B 207 -4.06 -3.20 -27.99
N VAL B 208 -4.52 -4.23 -27.28
CA VAL B 208 -3.84 -4.72 -26.09
C VAL B 208 -2.50 -5.36 -26.45
N THR B 209 -2.52 -6.17 -27.50
CA THR B 209 -1.30 -6.82 -27.96
C THR B 209 -0.23 -5.77 -28.29
N GLU B 210 -0.64 -4.71 -28.99
CA GLU B 210 0.27 -3.65 -29.38
C GLU B 210 0.83 -2.93 -28.16
N PHE B 211 -0.02 -2.68 -27.17
CA PHE B 211 0.44 -2.00 -25.97
C PHE B 211 1.50 -2.85 -25.27
N ARG B 212 1.23 -4.14 -25.10
CA ARG B 212 2.18 -5.01 -24.44
C ARG B 212 3.51 -5.12 -25.21
N ARG B 213 3.46 -5.03 -26.53
CA ARG B 213 4.71 -5.09 -27.29
C ARG B 213 5.60 -3.92 -26.84
N ARG B 214 5.02 -2.73 -26.79
CA ARG B 214 5.77 -1.54 -26.38
C ARG B 214 6.19 -1.59 -24.91
N LEU B 215 5.30 -2.07 -24.04
CA LEU B 215 5.62 -2.16 -22.62
C LEU B 215 6.79 -3.12 -22.45
N THR B 216 6.72 -4.27 -23.13
CA THR B 216 7.76 -5.30 -23.07
C THR B 216 9.11 -4.71 -23.45
N GLU B 217 9.14 -3.99 -24.57
CA GLU B 217 10.35 -3.37 -25.06
C GLU B 217 10.96 -2.48 -23.99
N HIS B 218 10.12 -1.69 -23.32
CA HIS B 218 10.58 -0.78 -22.26
C HIS B 218 11.14 -1.53 -21.06
N ILE B 219 10.38 -2.50 -20.57
CA ILE B 219 10.79 -3.25 -19.41
C ILE B 219 12.05 -4.08 -19.59
N LYS B 220 12.24 -4.67 -20.78
CA LYS B 220 13.43 -5.48 -20.99
C LYS B 220 14.69 -4.62 -20.95
N GLY B 221 14.57 -3.35 -21.28
CA GLY B 221 15.72 -2.46 -21.26
C GLY B 221 15.89 -1.78 -19.92
N LEU B 222 15.04 -2.14 -18.97
CA LEU B 222 15.06 -1.56 -17.64
C LEU B 222 16.27 -2.03 -16.83
N ASN B 223 16.83 -1.12 -16.06
CA ASN B 223 17.97 -1.38 -15.20
C ASN B 223 17.58 -1.07 -13.75
N ILE B 224 17.11 -2.08 -13.04
CA ILE B 224 16.68 -1.90 -11.65
C ILE B 224 17.19 -3.03 -10.77
N ASN B 225 17.99 -3.92 -11.36
CA ASN B 225 18.56 -5.05 -10.64
C ASN B 225 19.35 -4.51 -9.44
N GLY B 226 18.80 -4.65 -8.25
CA GLY B 226 19.48 -4.16 -7.06
C GLY B 226 18.62 -3.19 -6.26
N VAL B 227 17.71 -2.49 -6.93
CA VAL B 227 16.82 -1.54 -6.26
C VAL B 227 16.05 -2.24 -5.13
N ASN B 228 15.61 -3.47 -5.40
CA ASN B 228 14.88 -4.25 -4.40
C ASN B 228 15.86 -4.92 -3.47
N ARG B 229 15.75 -4.60 -2.18
CA ARG B 229 16.63 -5.15 -1.17
C ARG B 229 15.97 -6.25 -0.35
N TYR B 230 14.71 -6.53 -0.63
CA TYR B 230 13.97 -7.54 0.12
C TYR B 230 13.96 -8.95 -0.45
MG MG C . -1.93 1.67 12.98
MG MG D . 2.80 6.59 14.03
P IMU E . -3.08 1.11 20.04
C2 IMU E . 5.04 2.83 16.17
O1P IMU E . -2.18 1.20 21.21
O2P IMU E . -3.56 -0.26 19.78
O3P IMU E . -4.21 2.07 20.26
O5' IMU E . -2.30 1.71 18.83
C5' IMU E . -2.85 2.04 17.55
C4' IMU E . -1.80 2.61 16.67
N4' IMU E . -0.75 3.39 17.36
C3' IMU E . -1.03 1.58 15.90
O3' IMU E . -1.88 1.00 14.90
C2' IMU E . 0.09 2.39 15.42
O2' IMU E . -0.23 3.10 14.21
C1' IMU E . 0.51 3.29 16.63
C9 IMU E . 1.57 2.44 17.37
C8 IMU E . 1.37 1.54 18.42
N7 IMU E . 2.46 0.94 18.84
C5 IMU E . 3.46 1.44 18.05
C6 IMU E . 4.88 1.15 18.02
O6 IMU E . 5.48 0.36 18.73
N1 IMU E . 5.59 1.89 17.06
N2 IMU E . 5.86 3.44 15.34
N3 IMU E . 3.69 3.11 16.18
C4 IMU E . 2.95 2.39 17.13
P1 POP F . -0.07 6.25 12.02
O1 POP F . -0.59 7.44 11.28
O2 POP F . -0.51 4.83 11.35
O3 POP F . 1.42 6.31 12.11
O POP F . -0.74 6.22 13.42
P2 POP F . -0.28 6.68 14.84
O4 POP F . 1.10 6.18 15.05
O5 POP F . -1.19 6.18 15.89
O6 POP F . -0.34 8.28 14.72
P IMU G . -7.05 12.44 -13.95
C2 IMU G . -10.05 4.07 -13.17
O1P IMU G . -7.87 12.22 -15.17
O2P IMU G . -5.60 12.49 -14.23
O3P IMU G . -7.55 13.67 -13.28
O5' IMU G . -7.42 11.29 -12.92
C5' IMU G . -7.13 11.35 -11.50
C4' IMU G . -7.60 10.14 -10.80
N4' IMU G . -8.75 9.48 -11.42
C3' IMU G . -6.53 9.07 -10.69
O3' IMU G . -5.74 9.36 -9.51
C2' IMU G . -7.30 7.80 -10.66
O2' IMU G . -7.42 7.27 -9.33
C1' IMU G . -8.67 8.06 -11.39
C9 IMU G . -8.59 7.45 -12.79
C8 IMU G . -8.02 8.00 -13.96
N7 IMU G . -8.08 7.25 -15.04
C5 IMU G . -8.72 6.10 -14.60
C6 IMU G . -9.06 4.89 -15.33
O6 IMU G . -8.83 4.65 -16.50
N1 IMU G . -9.72 3.92 -14.54
N2 IMU G . -10.66 3.06 -12.57
N3 IMU G . -9.73 5.20 -12.46
C4 IMU G . -9.06 6.19 -13.23
P1 POP H . -9.83 6.97 -6.52
O1 POP H . -8.38 6.66 -6.43
O2 POP H . -10.75 5.71 -6.99
O3 POP H . -10.35 7.45 -5.20
O POP H . -10.03 8.02 -7.65
P2 POP H . -11.17 8.33 -8.66
O4 POP H . -11.31 7.18 -9.58
O5 POP H . -10.90 9.58 -9.41
O6 POP H . -12.44 8.48 -7.70
C1 IPA I . -13.76 -17.48 -12.67
C2 IPA I . -14.42 -17.47 -11.29
C3 IPA I . -15.77 -18.16 -11.37
O2 IPA I . -13.56 -18.20 -10.39
#